data_4OLT
#
_entry.id   4OLT
#
_cell.length_a   62.023
_cell.length_b   40.705
_cell.length_c   104.794
_cell.angle_alpha   90.00
_cell.angle_beta   106.53
_cell.angle_gamma   90.00
#
_symmetry.space_group_name_H-M   'P 1 21 1'
#
loop_
_entity.id
_entity.type
_entity.pdbx_description
1 polymer Chitosanase
2 branched 2-amino-2-deoxy-beta-D-glucopyranose-(1-4)-2-amino-2-deoxy-beta-D-glucopyranose-(1-4)-2-amino-2-deoxy-beta-D-glucopyranose-(1-4)-2-amino-2-deoxy-beta-D-glucopyranose-(1-4)-2-amino-2-deoxy-beta-D-glucopyranose-(1-4)-2-amino-2-deoxy-beta-D-glucopyranose
3 non-polymer GLYCEROL
4 water water
#
_entity_poly.entity_id   1
_entity_poly.type   'polypeptide(L)'
_entity_poly.pdbx_seq_one_letter_code
;GPLGSPEFETAGTVDLDAPVQKDTAMSLVSSFENSSTDWQAQYGYLEDIADGRGYTGGLIGFTSGTGDMLELVRAYSASS
PGNPLEQYIPALEAVNGTDSHAGLGQGFEQAWADAAETSEFRAAQDAERDRVYFDPAVAQGKADGLSALGQFAYYDTLVV
HGPGSQRDAFGGIRAEALSAALPPSQGGDETEYLEAFFDARNVIMREEPAHADTSRIDTAQRVFLQNGNFDLERPLTWSV
YGDQYSLN
;
_entity_poly.pdbx_strand_id   A,B
#
loop_
_chem_comp.id
_chem_comp.type
_chem_comp.name
_chem_comp.formula
GCS D-saccharide, beta linking 2-amino-2-deoxy-beta-D-glucopyranose 'C6 H13 N O5'
GOL non-polymer GLYCEROL 'C3 H8 O3'
#
# COMPACT_ATOMS: atom_id res chain seq x y z
N THR A 13 -6.14 -10.21 29.36
CA THR A 13 -6.36 -9.65 27.98
C THR A 13 -5.11 -8.91 27.44
N VAL A 14 -4.70 -9.18 26.17
CA VAL A 14 -3.52 -8.49 25.53
C VAL A 14 -3.97 -7.19 24.81
N ASP A 15 -3.65 -6.03 25.39
CA ASP A 15 -4.06 -4.72 24.85
C ASP A 15 -2.83 -3.88 24.55
N LEU A 16 -3.05 -2.79 23.83
CA LEU A 16 -1.95 -1.95 23.40
C LEU A 16 -1.32 -1.21 24.59
N ASP A 17 -2.02 -1.10 25.73
CA ASP A 17 -1.45 -0.43 26.91
C ASP A 17 -0.59 -1.33 27.79
N ALA A 18 -0.46 -2.63 27.49
CA ALA A 18 0.58 -3.43 28.16
C ALA A 18 1.99 -2.76 27.93
N PRO A 19 2.93 -2.91 28.89
CA PRO A 19 4.20 -2.23 28.70
C PRO A 19 4.93 -2.50 27.35
N VAL A 20 4.96 -3.75 26.91
CA VAL A 20 5.71 -4.08 25.69
C VAL A 20 4.91 -3.58 24.48
N GLN A 21 3.57 -3.88 24.42
CA GLN A 21 2.76 -3.39 23.28
C GLN A 21 2.83 -1.82 23.20
N LYS A 22 2.78 -1.13 24.34
CA LYS A 22 2.88 0.32 24.26
C LYS A 22 4.23 0.79 23.69
N ASP A 23 5.28 0.19 24.17
CA ASP A 23 6.62 0.43 23.63
C ASP A 23 6.71 0.15 22.09
N THR A 24 6.13 -0.97 21.61
CA THR A 24 6.01 -1.25 20.23
C THR A 24 5.24 -0.12 19.51
N ALA A 25 4.13 0.33 20.08
CA ALA A 25 3.27 1.36 19.45
C ALA A 25 4.11 2.63 19.31
N MET A 26 4.93 2.94 20.35
CA MET A 26 5.71 4.17 20.25
C MET A 26 6.76 4.04 19.11
N SER A 27 7.39 2.86 19.03
CA SER A 27 8.39 2.67 17.94
C SER A 27 7.78 2.68 16.52
N LEU A 28 6.56 2.14 16.42
CA LEU A 28 5.83 2.15 15.15
C LEU A 28 5.59 3.59 14.71
N VAL A 29 5.03 4.37 15.61
CA VAL A 29 4.73 5.75 15.29
C VAL A 29 6.02 6.59 15.01
N SER A 30 7.09 6.32 15.76
CA SER A 30 8.36 7.08 15.57
C SER A 30 8.94 6.69 14.17
N SER A 31 8.71 5.44 13.73
CA SER A 31 9.21 5.05 12.41
C SER A 31 8.46 5.86 11.36
N PHE A 32 7.13 6.02 11.53
CA PHE A 32 6.27 6.72 10.61
C PHE A 32 6.59 8.25 10.62
N GLU A 33 6.96 8.75 11.78
CA GLU A 33 7.14 10.24 11.91
C GLU A 33 8.51 10.66 11.65
N ASN A 34 9.45 9.84 12.09
CA ASN A 34 10.84 10.29 12.16
C ASN A 34 11.86 9.30 11.58
N SER A 35 11.31 8.26 10.90
CA SER A 35 12.12 7.16 10.29
C SER A 35 13.13 6.57 11.27
N SER A 36 12.66 6.40 12.49
CA SER A 36 13.48 5.79 13.53
C SER A 36 12.55 5.00 14.49
N THR A 37 13.01 3.83 14.91
CA THR A 37 12.35 3.12 16.07
C THR A 37 12.75 3.64 17.45
N ASP A 38 13.71 4.55 17.46
CA ASP A 38 14.19 5.12 18.71
C ASP A 38 13.26 6.23 19.16
N TRP A 39 12.12 5.86 19.73
CA TRP A 39 11.03 6.83 20.01
C TRP A 39 11.46 7.83 21.13
N GLN A 40 12.30 7.36 22.04
CA GLN A 40 12.74 8.21 23.16
C GLN A 40 13.62 9.31 22.72
N ALA A 41 14.15 9.17 21.53
CA ALA A 41 15.07 10.18 20.92
C ALA A 41 14.25 11.30 20.21
N GLN A 42 12.92 11.26 20.25
CA GLN A 42 12.11 12.12 19.36
C GLN A 42 11.43 13.24 20.15
N TYR A 43 11.66 13.31 21.45
CA TYR A 43 11.00 14.36 22.23
C TYR A 43 11.45 15.74 21.75
N GLY A 44 12.68 15.80 21.26
CA GLY A 44 13.28 17.10 20.80
C GLY A 44 13.04 17.43 19.34
N TYR A 45 12.32 16.53 18.65
CA TYR A 45 11.97 16.76 17.25
C TYR A 45 11.21 18.07 17.07
N LEU A 46 11.56 18.85 16.06
CA LEU A 46 10.91 20.15 15.80
C LEU A 46 11.25 20.51 14.36
N GLU A 47 10.20 20.67 13.55
CA GLU A 47 10.39 20.89 12.13
C GLU A 47 9.07 21.44 11.58
N ASP A 48 9.19 22.35 10.66
CA ASP A 48 8.06 22.82 9.85
C ASP A 48 8.19 22.04 8.57
N ILE A 49 7.37 21.00 8.46
CA ILE A 49 7.45 20.15 7.30
C ILE A 49 6.68 20.68 6.05
N ALA A 50 6.28 21.95 6.08
CA ALA A 50 5.72 22.62 4.89
C ALA A 50 4.35 22.01 4.47
N ASP A 51 3.69 21.37 5.45
CA ASP A 51 2.30 20.94 5.29
C ASP A 51 1.21 22.00 5.59
N GLY A 52 1.60 23.20 5.97
CA GLY A 52 0.66 24.17 6.45
C GLY A 52 0.20 24.02 7.88
N ARG A 53 0.91 23.25 8.68
CA ARG A 53 0.59 23.15 10.12
C ARG A 53 1.63 23.91 10.97
N GLY A 54 2.59 24.53 10.33
CA GLY A 54 3.60 25.35 11.03
C GLY A 54 4.67 24.47 11.65
N TYR A 55 4.93 24.66 12.96
CA TYR A 55 5.89 23.78 13.59
C TYR A 55 5.22 22.46 13.92
N THR A 56 5.90 21.36 13.63
CA THR A 56 5.53 20.04 14.08
C THR A 56 6.63 19.56 15.03
N GLY A 57 6.24 19.08 16.20
CA GLY A 57 7.24 18.72 17.21
C GLY A 57 6.93 17.54 18.15
N GLY A 58 7.98 17.01 18.78
CA GLY A 58 7.77 16.07 19.85
C GLY A 58 7.36 14.71 19.34
N LEU A 59 7.09 13.83 20.30
CA LEU A 59 6.88 12.39 20.03
C LEU A 59 5.87 12.09 18.93
N ILE A 60 4.74 12.75 19.03
CA ILE A 60 3.65 12.50 18.09
C ILE A 60 3.32 13.65 17.20
N GLY A 61 4.26 14.60 17.02
CA GLY A 61 3.99 15.67 16.04
C GLY A 61 2.87 16.64 16.47
N PHE A 62 2.93 17.16 17.72
CA PHE A 62 2.11 18.33 18.16
C PHE A 62 2.41 19.44 17.17
N THR A 63 1.40 20.24 16.80
CA THR A 63 1.63 21.38 15.88
C THR A 63 1.28 22.74 16.42
N SER A 64 1.99 23.77 15.96
CA SER A 64 1.58 25.15 16.33
C SER A 64 0.30 25.61 15.59
N GLY A 65 0.01 25.02 14.42
CA GLY A 65 -1.20 25.34 13.69
C GLY A 65 -2.49 24.77 14.26
N THR A 66 -2.43 23.63 14.97
CA THR A 66 -3.66 22.88 15.22
C THR A 66 -4.07 22.87 16.70
N GLY A 67 -3.42 23.67 17.51
CA GLY A 67 -3.87 23.77 18.90
C GLY A 67 -3.11 22.93 19.94
N ASP A 68 -2.64 21.73 19.54
CA ASP A 68 -2.07 20.82 20.52
C ASP A 68 -0.70 21.20 21.04
N MET A 69 0.14 21.81 20.22
CA MET A 69 1.45 22.28 20.72
C MET A 69 1.23 23.36 21.82
N LEU A 70 0.25 24.23 21.59
CA LEU A 70 -0.10 25.25 22.54
C LEU A 70 -0.62 24.58 23.83
N GLU A 71 -1.58 23.64 23.66
CA GLU A 71 -2.12 22.95 24.83
C GLU A 71 -0.98 22.28 25.64
N LEU A 72 -0.05 21.62 24.95
CA LEU A 72 1.11 20.98 25.60
C LEU A 72 1.96 22.03 26.39
N VAL A 73 2.29 23.12 25.72
CA VAL A 73 3.12 24.14 26.39
C VAL A 73 2.45 24.75 27.62
N ARG A 74 1.14 24.92 27.55
CA ARG A 74 0.39 25.47 28.67
C ARG A 74 0.37 24.47 29.80
N ALA A 75 0.25 23.17 29.50
CA ALA A 75 0.26 22.14 30.54
C ALA A 75 1.65 22.03 31.19
N TYR A 76 2.70 22.12 30.37
CA TYR A 76 4.09 22.11 30.81
C TYR A 76 4.37 23.30 31.76
N SER A 77 3.78 24.44 31.46
CA SER A 77 4.05 25.65 32.25
C SER A 77 3.25 25.57 33.54
N ALA A 78 2.09 24.87 33.52
CA ALA A 78 1.36 24.57 34.78
C ALA A 78 2.22 23.71 35.70
N SER A 79 2.73 22.61 35.17
CA SER A 79 3.50 21.68 35.99
C SER A 79 4.96 22.07 36.27
N SER A 80 5.54 22.94 35.44
CA SER A 80 6.93 23.31 35.57
C SER A 80 7.05 24.84 35.33
N PRO A 81 6.60 25.65 36.30
CA PRO A 81 6.64 27.09 36.02
C PRO A 81 8.05 27.58 35.70
N GLY A 82 8.12 28.54 34.76
CA GLY A 82 9.38 29.22 34.44
C GLY A 82 10.32 28.43 33.52
N ASN A 83 9.82 27.35 32.95
CA ASN A 83 10.56 26.57 31.95
C ASN A 83 10.84 27.43 30.66
N PRO A 84 11.84 27.03 29.84
CA PRO A 84 12.24 27.89 28.71
C PRO A 84 11.15 28.18 27.67
N LEU A 85 10.18 27.29 27.56
CA LEU A 85 9.09 27.48 26.61
C LEU A 85 7.98 28.40 27.05
N GLU A 86 7.87 28.65 28.36
CA GLU A 86 6.71 29.35 28.89
C GLU A 86 6.53 30.76 28.32
N GLN A 87 7.66 31.43 28.08
CA GLN A 87 7.60 32.76 27.49
C GLN A 87 7.05 32.79 26.03
N TYR A 88 6.95 31.60 25.38
CA TYR A 88 6.45 31.53 24.01
C TYR A 88 4.96 31.24 23.96
N ILE A 89 4.30 31.18 25.10
CA ILE A 89 2.83 30.97 25.10
C ILE A 89 2.05 32.06 24.35
N PRO A 90 2.38 33.37 24.59
CA PRO A 90 1.63 34.34 23.82
C PRO A 90 1.80 34.17 22.26
N ALA A 91 3.04 33.87 21.80
CA ALA A 91 3.26 33.66 20.36
C ALA A 91 2.50 32.37 19.86
N LEU A 92 2.49 31.30 20.67
CA LEU A 92 1.74 30.09 20.31
C LEU A 92 0.24 30.40 20.28
N GLU A 93 -0.26 31.26 21.20
CA GLU A 93 -1.67 31.68 21.12
C GLU A 93 -1.99 32.47 19.84
N ALA A 94 -1.07 33.37 19.47
CA ALA A 94 -1.24 34.27 18.29
C ALA A 94 -1.20 33.51 16.96
N VAL A 95 -0.30 32.52 16.85
CA VAL A 95 -0.16 31.78 15.55
C VAL A 95 -1.12 30.60 15.40
N ASN A 96 -1.79 30.24 16.50
CA ASN A 96 -2.71 29.07 16.47
C ASN A 96 -3.73 29.27 15.35
N GLY A 97 -3.97 28.20 14.57
CA GLY A 97 -4.91 28.27 13.46
C GLY A 97 -4.25 28.74 12.18
N THR A 98 -2.95 29.01 12.23
CA THR A 98 -2.16 29.38 11.05
C THR A 98 -0.80 28.67 11.11
N ASP A 99 -0.04 28.69 10.01
CA ASP A 99 1.30 28.10 10.00
C ASP A 99 2.43 29.10 10.17
N SER A 100 2.09 30.24 10.75
CA SER A 100 3.05 31.31 11.03
C SER A 100 4.06 30.93 12.09
N HIS A 101 5.33 31.38 11.91
CA HIS A 101 6.36 31.22 12.92
C HIS A 101 6.51 32.55 13.69
N ALA A 102 5.66 33.53 13.43
CA ALA A 102 5.80 34.85 14.09
C ALA A 102 5.96 34.76 15.64
N GLY A 103 7.01 35.39 16.20
CA GLY A 103 7.20 35.38 17.63
C GLY A 103 7.87 34.12 18.18
N LEU A 104 8.25 33.18 17.31
CA LEU A 104 8.83 31.92 17.77
C LEU A 104 10.27 31.95 17.20
N GLY A 105 10.55 31.20 16.13
CA GLY A 105 11.85 31.25 15.46
C GLY A 105 12.98 30.68 16.29
N GLN A 106 14.19 31.24 16.15
CA GLN A 106 15.35 30.60 16.74
C GLN A 106 15.29 30.50 18.26
N GLY A 107 14.88 31.56 18.96
CA GLY A 107 14.76 31.43 20.41
C GLY A 107 13.78 30.34 20.88
N PHE A 108 12.67 30.20 20.15
CA PHE A 108 11.66 29.20 20.44
C PHE A 108 12.20 27.80 20.13
N GLU A 109 12.87 27.63 18.99
CA GLU A 109 13.48 26.35 18.65
C GLU A 109 14.56 25.86 19.66
N GLN A 110 15.38 26.81 20.14
CA GLN A 110 16.38 26.53 21.15
C GLN A 110 15.70 26.19 22.50
N ALA A 111 14.64 26.92 22.84
CA ALA A 111 13.90 26.63 24.05
C ALA A 111 13.29 25.23 24.03
N TRP A 112 12.79 24.80 22.85
CA TRP A 112 12.26 23.39 22.69
C TRP A 112 13.37 22.40 22.90
N ALA A 113 14.54 22.67 22.28
CA ALA A 113 15.65 21.75 22.40
C ALA A 113 16.09 21.63 23.92
N ASP A 114 16.21 22.77 24.61
CA ASP A 114 16.54 22.80 26.02
C ASP A 114 15.46 22.01 26.84
N ALA A 115 14.19 22.28 26.59
CA ALA A 115 13.12 21.69 27.41
C ALA A 115 13.15 20.16 27.20
N ALA A 116 13.55 19.72 26.00
CA ALA A 116 13.44 18.27 25.65
C ALA A 116 14.51 17.48 26.38
N GLU A 117 15.50 18.20 26.94
CA GLU A 117 16.50 17.58 27.83
C GLU A 117 15.93 17.19 29.22
N THR A 118 14.77 17.76 29.59
CA THR A 118 14.23 17.64 30.99
C THR A 118 13.23 16.52 31.08
N SER A 119 13.25 15.78 32.19
CA SER A 119 12.21 14.73 32.35
C SER A 119 10.84 15.40 32.41
N GLU A 120 10.78 16.67 32.87
CA GLU A 120 9.48 17.34 33.03
C GLU A 120 8.77 17.56 31.70
N PHE A 121 9.51 18.00 30.68
CA PHE A 121 8.90 18.22 29.36
C PHE A 121 8.50 16.87 28.74
N ARG A 122 9.34 15.86 28.91
N ARG A 122 9.34 15.87 28.93
CA ARG A 122 9.03 14.54 28.33
CA ARG A 122 9.08 14.54 28.37
C ARG A 122 7.74 14.05 29.00
C ARG A 122 7.78 14.05 29.00
N ALA A 123 7.64 14.24 30.32
CA ALA A 123 6.40 13.88 31.04
C ALA A 123 5.18 14.66 30.53
N ALA A 124 5.34 15.97 30.24
CA ALA A 124 4.22 16.72 29.66
C ALA A 124 3.78 16.14 28.29
N GLN A 125 4.78 15.78 27.46
CA GLN A 125 4.52 15.26 26.14
C GLN A 125 3.82 13.88 26.28
N ASP A 126 4.33 13.04 27.19
CA ASP A 126 3.69 11.74 27.48
C ASP A 126 2.26 11.97 27.90
N ALA A 127 2.02 12.94 28.78
CA ALA A 127 0.66 13.15 29.30
C ALA A 127 -0.33 13.58 28.21
N GLU A 128 0.09 14.52 27.38
CA GLU A 128 -0.73 15.00 26.27
C GLU A 128 -0.99 13.87 25.26
N ARG A 129 0.04 13.10 24.99
CA ARG A 129 -0.07 11.94 24.14
C ARG A 129 -1.18 11.05 24.66
N ASP A 130 -1.07 10.73 25.97
CA ASP A 130 -1.99 9.73 26.59
C ASP A 130 -3.39 10.27 26.71
N ARG A 131 -3.54 11.55 27.08
N ARG A 131 -3.56 11.53 27.10
N ARG A 131 -3.56 11.55 27.06
CA ARG A 131 -4.88 12.15 27.21
CA ARG A 131 -4.92 12.10 27.26
CA ARG A 131 -4.94 12.10 27.21
C ARG A 131 -5.63 12.24 25.89
C ARG A 131 -5.66 12.28 25.92
C ARG A 131 -5.66 12.26 25.89
N VAL A 132 -4.96 12.77 24.88
CA VAL A 132 -5.63 13.13 23.60
C VAL A 132 -5.65 12.01 22.60
N TYR A 133 -4.59 11.17 22.58
CA TYR A 133 -4.37 10.25 21.48
C TYR A 133 -4.40 8.76 21.94
N PHE A 134 -3.57 8.40 22.92
CA PHE A 134 -3.34 6.98 23.23
C PHE A 134 -4.51 6.41 24.08
N ASP A 135 -4.87 7.06 25.16
CA ASP A 135 -5.93 6.46 25.96
C ASP A 135 -7.25 6.40 25.21
N PRO A 136 -7.62 7.45 24.42
CA PRO A 136 -8.85 7.33 23.61
C PRO A 136 -8.83 6.19 22.60
N ALA A 137 -7.69 6.00 21.95
CA ALA A 137 -7.48 4.91 21.00
C ALA A 137 -7.71 3.57 21.65
N VAL A 138 -7.05 3.38 22.79
CA VAL A 138 -7.15 2.09 23.48
C VAL A 138 -8.56 1.85 24.05
N ALA A 139 -9.14 2.88 24.71
CA ALA A 139 -10.46 2.68 25.30
C ALA A 139 -11.50 2.38 24.23
N GLN A 140 -11.46 3.16 23.14
CA GLN A 140 -12.45 3.01 22.02
C GLN A 140 -12.22 1.64 21.35
N GLY A 141 -10.96 1.24 21.09
CA GLY A 141 -10.64 -0.07 20.54
C GLY A 141 -11.22 -1.20 21.38
N LYS A 142 -11.01 -1.13 22.70
CA LYS A 142 -11.56 -2.15 23.63
C LYS A 142 -13.07 -2.12 23.57
N ALA A 143 -13.71 -0.95 23.57
CA ALA A 143 -15.18 -0.93 23.41
C ALA A 143 -15.70 -1.59 22.12
N ASP A 144 -14.92 -1.46 21.06
CA ASP A 144 -15.22 -2.09 19.78
C ASP A 144 -14.82 -3.59 19.64
N GLY A 145 -14.23 -4.11 20.70
CA GLY A 145 -13.80 -5.50 20.80
C GLY A 145 -12.58 -5.76 20.00
N LEU A 146 -11.74 -4.72 19.82
CA LEU A 146 -10.51 -4.90 19.04
C LEU A 146 -9.32 -5.40 19.84
N SER A 147 -8.42 -6.03 19.10
CA SER A 147 -7.20 -6.53 19.57
C SER A 147 -6.23 -5.38 19.69
N ALA A 148 -5.03 -5.73 20.19
CA ALA A 148 -3.93 -4.74 20.21
C ALA A 148 -3.66 -4.10 18.86
N LEU A 149 -3.67 -4.92 17.81
CA LEU A 149 -3.43 -4.39 16.43
C LEU A 149 -4.56 -3.38 16.07
N GLY A 150 -5.82 -3.72 16.37
CA GLY A 150 -6.97 -2.81 16.10
C GLY A 150 -6.86 -1.50 16.91
N GLN A 151 -6.45 -1.63 18.17
CA GLN A 151 -6.20 -0.43 19.03
C GLN A 151 -5.10 0.43 18.41
N PHE A 152 -4.04 -0.23 17.90
CA PHE A 152 -2.99 0.47 17.19
C PHE A 152 -3.50 1.23 15.95
N ALA A 153 -4.31 0.54 15.16
CA ALA A 153 -4.92 1.19 13.99
C ALA A 153 -5.61 2.53 14.42
N TYR A 154 -6.41 2.47 15.53
CA TYR A 154 -7.04 3.65 16.08
C TYR A 154 -6.00 4.71 16.53
N TYR A 155 -4.98 4.30 17.30
CA TYR A 155 -3.97 5.25 17.80
C TYR A 155 -3.27 5.97 16.59
N ASP A 156 -2.83 5.22 15.58
CA ASP A 156 -2.13 5.89 14.44
C ASP A 156 -3.07 6.87 13.71
N THR A 157 -4.38 6.52 13.65
CA THR A 157 -5.38 7.40 13.00
C THR A 157 -5.52 8.71 13.80
N LEU A 158 -5.59 8.58 15.12
CA LEU A 158 -5.73 9.78 15.97
C LEU A 158 -4.46 10.62 15.87
N VAL A 159 -3.27 9.98 15.86
CA VAL A 159 -2.03 10.73 15.71
C VAL A 159 -2.03 11.54 14.40
N VAL A 160 -2.43 10.93 13.30
CA VAL A 160 -2.30 11.66 12.03
C VAL A 160 -3.46 12.67 11.79
N HIS A 161 -4.68 12.21 12.04
CA HIS A 161 -5.92 12.98 11.70
C HIS A 161 -6.54 13.75 12.84
N GLY A 162 -6.13 13.43 14.07
CA GLY A 162 -6.61 14.06 15.30
C GLY A 162 -8.00 13.65 15.74
N PRO A 163 -8.39 14.08 16.96
CA PRO A 163 -9.68 13.71 17.50
C PRO A 163 -10.75 14.56 16.83
N GLY A 164 -11.96 14.05 16.82
CA GLY A 164 -13.04 14.78 16.19
C GLY A 164 -14.06 13.92 15.51
N SER A 165 -15.27 14.46 15.41
CA SER A 165 -16.34 13.76 14.73
C SER A 165 -16.40 14.04 13.24
N GLN A 166 -15.62 15.01 12.76
CA GLN A 166 -15.63 15.36 11.30
C GLN A 166 -15.19 14.12 10.51
N ARG A 167 -15.60 14.05 9.26
CA ARG A 167 -15.26 12.94 8.37
C ARG A 167 -13.77 12.68 8.20
N ASP A 168 -12.93 13.72 8.34
CA ASP A 168 -11.49 13.56 8.17
C ASP A 168 -10.74 13.48 9.49
N ALA A 169 -11.49 13.36 10.58
CA ALA A 169 -10.90 13.10 11.91
C ALA A 169 -11.19 11.67 12.35
N PHE A 170 -10.56 11.25 13.45
CA PHE A 170 -10.72 9.85 13.89
C PHE A 170 -12.20 9.38 14.02
N GLY A 171 -13.02 10.20 14.68
CA GLY A 171 -14.41 9.85 14.93
C GLY A 171 -15.14 9.62 13.63
N GLY A 172 -14.88 10.46 12.65
CA GLY A 172 -15.55 10.30 11.33
C GLY A 172 -15.05 9.08 10.57
N ILE A 173 -13.75 8.83 10.71
CA ILE A 173 -13.13 7.66 10.06
C ILE A 173 -13.70 6.35 10.64
N ARG A 174 -13.74 6.27 11.97
CA ARG A 174 -14.37 5.18 12.68
C ARG A 174 -15.85 5.02 12.31
N ALA A 175 -16.60 6.12 12.26
CA ALA A 175 -18.01 6.06 11.81
C ALA A 175 -18.17 5.44 10.41
N GLU A 176 -17.31 5.91 9.48
CA GLU A 176 -17.34 5.39 8.12
C GLU A 176 -17.07 3.87 8.13
N ALA A 177 -16.05 3.43 8.89
CA ALA A 177 -15.77 2.00 9.06
C ALA A 177 -16.98 1.20 9.54
N LEU A 178 -17.59 1.68 10.63
CA LEU A 178 -18.76 1.05 11.22
C LEU A 178 -19.93 0.95 10.25
N SER A 179 -19.98 1.87 9.28
CA SER A 179 -21.08 1.82 8.31
CA SER A 179 -21.07 1.83 8.31
C SER A 179 -20.90 0.69 7.30
N ALA A 180 -19.65 0.23 7.17
CA ALA A 180 -19.24 -0.74 6.18
C ALA A 180 -19.16 -2.12 6.74
N ALA A 181 -18.85 -2.22 8.04
CA ALA A 181 -18.51 -3.51 8.64
C ALA A 181 -18.81 -3.48 10.14
N LEU A 182 -19.35 -4.57 10.67
CA LEU A 182 -19.67 -4.65 12.10
C LEU A 182 -18.33 -4.78 12.82
N PRO A 183 -18.19 -4.16 13.99
CA PRO A 183 -16.96 -4.40 14.82
C PRO A 183 -17.10 -5.76 15.51
N PRO A 184 -15.98 -6.32 15.99
CA PRO A 184 -15.98 -7.59 16.77
C PRO A 184 -16.91 -7.57 18.00
N SER A 185 -17.05 -6.43 18.66
N SER A 185 -17.04 -6.43 18.68
CA SER A 185 -17.98 -6.28 19.80
CA SER A 185 -18.02 -6.27 19.79
C SER A 185 -19.43 -6.65 19.41
C SER A 185 -19.40 -6.78 19.37
N GLN A 186 -19.80 -6.46 18.13
CA GLN A 186 -21.16 -6.82 17.60
C GLN A 186 -21.12 -8.12 16.73
N GLY A 187 -20.05 -8.89 16.88
CA GLY A 187 -20.00 -10.16 16.15
C GLY A 187 -19.33 -10.06 14.79
N GLY A 188 -18.80 -8.89 14.45
CA GLY A 188 -18.10 -8.79 13.17
C GLY A 188 -16.74 -9.44 13.19
N ASP A 189 -16.31 -9.99 12.06
CA ASP A 189 -14.97 -10.50 11.89
C ASP A 189 -13.98 -9.30 11.98
N GLU A 190 -12.94 -9.42 12.80
CA GLU A 190 -11.93 -8.36 13.00
C GLU A 190 -11.18 -7.97 11.74
N THR A 191 -10.81 -8.96 10.92
CA THR A 191 -10.07 -8.69 9.69
C THR A 191 -10.91 -7.84 8.76
N GLU A 192 -12.17 -8.25 8.54
CA GLU A 192 -13.07 -7.46 7.68
C GLU A 192 -13.27 -6.03 8.21
N TYR A 193 -13.36 -5.91 9.55
CA TYR A 193 -13.64 -4.61 10.16
C TYR A 193 -12.38 -3.70 9.96
N LEU A 194 -11.21 -4.23 10.27
CA LEU A 194 -10.01 -3.48 10.08
C LEU A 194 -9.71 -3.15 8.61
N GLU A 195 -10.03 -4.06 7.70
CA GLU A 195 -9.94 -3.74 6.23
C GLU A 195 -10.81 -2.53 5.89
N ALA A 196 -12.02 -2.49 6.47
CA ALA A 196 -12.93 -1.43 6.15
C ALA A 196 -12.41 -0.17 6.81
N PHE A 197 -11.78 -0.31 7.96
CA PHE A 197 -11.27 0.88 8.67
C PHE A 197 -10.07 1.48 7.90
N PHE A 198 -9.11 0.62 7.56
CA PHE A 198 -7.96 1.04 6.70
C PHE A 198 -8.45 1.67 5.41
N ASP A 199 -9.50 1.10 4.78
CA ASP A 199 -9.96 1.61 3.49
C ASP A 199 -10.66 2.94 3.66
N ALA A 200 -11.38 3.13 4.78
CA ALA A 200 -11.99 4.46 5.13
C ALA A 200 -10.86 5.49 5.35
N ARG A 201 -9.88 5.10 6.11
CA ARG A 201 -8.77 5.98 6.33
C ARG A 201 -8.02 6.35 5.01
N ASN A 202 -7.76 5.36 4.16
CA ASN A 202 -7.08 5.59 2.89
C ASN A 202 -7.69 6.77 2.10
N VAL A 203 -9.01 6.75 2.00
CA VAL A 203 -9.73 7.81 1.34
C VAL A 203 -9.27 9.23 1.85
N ILE A 204 -9.35 9.38 3.17
CA ILE A 204 -8.96 10.62 3.86
C ILE A 204 -7.45 10.99 3.69
N MET A 205 -6.56 9.99 3.84
CA MET A 205 -5.10 10.22 3.73
C MET A 205 -4.86 10.87 2.36
N ARG A 206 -5.52 10.35 1.33
CA ARG A 206 -5.22 10.78 -0.03
C ARG A 206 -5.68 12.19 -0.36
N GLU A 207 -6.51 12.75 0.49
CA GLU A 207 -7.05 14.08 0.21
C GLU A 207 -6.06 15.22 0.51
N GLU A 208 -5.00 14.91 1.25
CA GLU A 208 -3.93 15.88 1.58
C GLU A 208 -2.53 15.45 1.03
N PRO A 209 -1.82 16.33 0.27
CA PRO A 209 -0.53 15.89 -0.32
C PRO A 209 0.52 15.40 0.73
N ALA A 210 0.59 16.06 1.90
CA ALA A 210 1.54 15.63 2.93
C ALA A 210 1.15 14.25 3.47
N HIS A 211 -0.10 13.85 3.29
CA HIS A 211 -0.57 12.54 3.77
C HIS A 211 -0.80 11.50 2.67
N ALA A 212 -0.39 11.80 1.45
CA ALA A 212 -0.84 10.97 0.36
C ALA A 212 -0.07 9.65 0.31
N ASP A 213 1.14 9.64 0.90
CA ASP A 213 1.86 8.38 1.06
C ASP A 213 1.12 7.65 2.16
N THR A 214 0.63 6.45 1.87
CA THR A 214 -0.13 5.65 2.82
C THR A 214 0.67 4.43 3.26
N SER A 215 1.98 4.46 3.04
CA SER A 215 2.82 3.29 3.44
C SER A 215 2.73 2.93 4.92
N ARG A 216 2.57 3.93 5.81
CA ARG A 216 2.40 3.54 7.24
C ARG A 216 1.24 2.57 7.47
N ILE A 217 0.21 2.67 6.64
CA ILE A 217 -0.86 1.66 6.64
C ILE A 217 -0.44 0.48 5.76
N ASP A 218 -0.09 0.74 4.49
CA ASP A 218 -0.03 -0.40 3.51
C ASP A 218 1.12 -1.36 3.73
N THR A 219 2.27 -0.85 4.17
CA THR A 219 3.42 -1.79 4.28
C THR A 219 3.74 -2.13 5.72
N ALA A 220 2.87 -1.67 6.64
CA ALA A 220 3.09 -1.94 8.07
C ALA A 220 1.79 -2.48 8.64
N GLN A 221 0.78 -1.63 8.90
CA GLN A 221 -0.43 -2.12 9.60
C GLN A 221 -1.14 -3.23 8.82
N ARG A 222 -1.27 -3.11 7.48
CA ARG A 222 -1.99 -4.13 6.69
C ARG A 222 -1.19 -5.41 6.67
N VAL A 223 0.15 -5.28 6.74
CA VAL A 223 1.01 -6.42 6.75
C VAL A 223 0.80 -7.20 8.08
N PHE A 224 0.70 -6.48 9.19
CA PHE A 224 0.48 -7.16 10.50
C PHE A 224 -0.88 -7.93 10.46
N LEU A 225 -1.89 -7.29 9.86
CA LEU A 225 -3.19 -7.85 9.74
C LEU A 225 -3.14 -9.11 8.85
N GLN A 226 -2.47 -9.03 7.68
CA GLN A 226 -2.29 -10.21 6.80
C GLN A 226 -1.61 -11.38 7.50
N ASN A 227 -0.66 -11.03 8.36
CA ASN A 227 0.10 -11.99 9.16
C ASN A 227 -0.72 -12.56 10.29
N GLY A 228 -1.89 -11.96 10.59
CA GLY A 228 -2.73 -12.35 11.72
C GLY A 228 -2.10 -12.03 13.07
N ASN A 229 -1.28 -10.99 13.09
CA ASN A 229 -0.63 -10.58 14.33
C ASN A 229 -1.47 -9.65 15.12
N PHE A 230 -2.56 -10.19 15.67
CA PHE A 230 -3.58 -9.37 16.33
C PHE A 230 -3.06 -8.86 17.67
N ASP A 231 -2.15 -9.61 18.26
CA ASP A 231 -1.59 -9.08 19.56
C ASP A 231 -0.41 -8.14 19.36
N LEU A 232 -0.09 -7.82 18.09
CA LEU A 232 1.03 -6.93 17.75
C LEU A 232 2.30 -7.39 18.47
N GLU A 233 2.56 -8.69 18.38
N GLU A 233 2.56 -8.70 18.45
CA GLU A 233 3.63 -9.32 19.12
CA GLU A 233 3.68 -9.22 19.22
C GLU A 233 4.92 -9.28 18.34
C GLU A 233 4.91 -9.30 18.38
N ARG A 234 6.04 -9.10 19.07
CA ARG A 234 7.35 -9.20 18.50
C ARG A 234 7.74 -10.66 18.30
N PRO A 235 8.74 -10.94 17.41
CA PRO A 235 9.49 -9.99 16.55
C PRO A 235 8.55 -9.39 15.47
N LEU A 236 8.77 -8.14 15.15
CA LEU A 236 7.93 -7.46 14.20
C LEU A 236 8.83 -6.83 13.16
N THR A 237 8.41 -6.87 11.91
CA THR A 237 9.15 -6.26 10.83
C THR A 237 8.13 -5.55 9.95
N TRP A 238 8.55 -4.38 9.42
CA TRP A 238 7.66 -3.63 8.56
C TRP A 238 8.48 -2.67 7.72
N SER A 239 7.79 -1.99 6.80
CA SER A 239 8.40 -0.89 6.07
CA SER A 239 8.44 -0.88 6.17
C SER A 239 7.55 0.36 6.14
N VAL A 240 8.22 1.53 6.08
CA VAL A 240 7.46 2.72 5.80
C VAL A 240 8.37 3.63 4.95
N TYR A 241 7.80 4.25 3.89
CA TYR A 241 8.58 5.12 2.95
C TYR A 241 9.69 4.35 2.27
N GLY A 242 9.49 3.04 2.13
CA GLY A 242 10.54 2.27 1.44
C GLY A 242 11.71 1.79 2.34
N ASP A 243 11.66 2.10 3.65
CA ASP A 243 12.69 1.72 4.59
C ASP A 243 12.16 0.63 5.53
N GLN A 244 12.98 -0.39 5.82
CA GLN A 244 12.56 -1.54 6.65
C GLN A 244 12.99 -1.32 8.13
N TYR A 245 12.10 -1.70 9.04
CA TYR A 245 12.30 -1.65 10.48
C TYR A 245 12.02 -3.00 11.11
N SER A 246 12.59 -3.25 12.29
CA SER A 246 12.23 -4.42 13.05
C SER A 246 12.36 -4.14 14.53
N LEU A 247 11.61 -4.91 15.31
CA LEU A 247 11.65 -4.83 16.78
C LEU A 247 11.75 -6.23 17.31
N ASN A 248 12.57 -6.43 18.34
CA ASN A 248 12.68 -7.70 18.98
C ASN A 248 12.61 -7.52 20.47
N GLY B 12 12.13 9.66 -18.95
CA GLY B 12 12.50 8.27 -19.47
C GLY B 12 13.18 8.39 -20.86
N THR B 13 13.94 7.38 -21.30
CA THR B 13 14.65 7.45 -22.60
C THR B 13 14.37 6.27 -23.55
N VAL B 14 13.70 5.25 -23.01
CA VAL B 14 13.55 3.97 -23.67
C VAL B 14 12.15 3.40 -23.34
N ASP B 15 11.60 2.56 -24.21
CA ASP B 15 10.28 2.02 -23.91
C ASP B 15 10.39 0.63 -23.34
N LEU B 16 9.29 0.14 -22.78
CA LEU B 16 9.26 -1.21 -22.19
C LEU B 16 9.46 -2.34 -23.20
N ASP B 17 9.21 -2.05 -24.48
CA ASP B 17 9.43 -3.10 -25.48
C ASP B 17 10.86 -3.20 -26.01
N ALA B 18 11.76 -2.33 -25.53
CA ALA B 18 13.21 -2.57 -25.77
C ALA B 18 13.53 -3.95 -25.22
N PRO B 19 14.44 -4.70 -25.89
CA PRO B 19 14.64 -6.12 -25.56
C PRO B 19 14.97 -6.35 -24.08
N VAL B 20 15.90 -5.58 -23.47
CA VAL B 20 16.25 -5.84 -22.05
CA VAL B 20 16.28 -5.80 -22.07
C VAL B 20 15.09 -5.47 -21.13
N GLN B 21 14.45 -4.33 -21.37
CA GLN B 21 13.32 -3.91 -20.55
C GLN B 21 12.21 -4.95 -20.62
N LYS B 22 12.00 -5.54 -21.80
CA LYS B 22 10.89 -6.46 -21.96
C LYS B 22 11.18 -7.68 -21.13
N ASP B 23 12.43 -8.11 -21.22
CA ASP B 23 12.92 -9.24 -20.39
C ASP B 23 12.75 -8.93 -18.90
N THR B 24 13.11 -7.71 -18.46
CA THR B 24 12.91 -7.35 -17.08
C THR B 24 11.40 -7.42 -16.73
N ALA B 25 10.55 -6.91 -17.60
CA ALA B 25 9.11 -6.90 -17.38
C ALA B 25 8.59 -8.35 -17.16
N MET B 26 9.11 -9.32 -17.93
CA MET B 26 8.61 -10.70 -17.79
C MET B 26 9.07 -11.26 -16.46
N SER B 27 10.30 -10.94 -16.05
CA SER B 27 10.80 -11.38 -14.72
C SER B 27 10.04 -10.77 -13.56
N LEU B 28 9.67 -9.50 -13.68
CA LEU B 28 8.92 -8.87 -12.62
C LEU B 28 7.56 -9.58 -12.45
N VAL B 29 6.83 -9.68 -13.54
CA VAL B 29 5.55 -10.40 -13.55
C VAL B 29 5.68 -11.82 -13.05
N SER B 30 6.68 -12.56 -13.48
CA SER B 30 6.80 -13.94 -12.98
CA SER B 30 6.82 -13.96 -12.98
C SER B 30 7.09 -14.01 -11.45
N SER B 31 7.76 -12.97 -10.91
CA SER B 31 7.96 -12.91 -9.46
C SER B 31 6.61 -12.75 -8.77
N PHE B 32 5.73 -11.93 -9.35
CA PHE B 32 4.41 -11.67 -8.76
C PHE B 32 3.46 -12.90 -8.91
N GLU B 33 3.59 -13.56 -10.06
CA GLU B 33 2.63 -14.62 -10.42
C GLU B 33 3.10 -15.95 -9.80
N ASN B 34 4.40 -16.17 -9.76
CA ASN B 34 4.89 -17.54 -9.49
C ASN B 34 6.09 -17.56 -8.54
N SER B 35 6.40 -16.39 -7.94
CA SER B 35 7.51 -16.31 -6.94
C SER B 35 8.81 -16.81 -7.54
N SER B 36 9.05 -16.40 -8.81
CA SER B 36 10.35 -16.75 -9.46
C SER B 36 10.64 -15.72 -10.55
N THR B 37 11.87 -15.22 -10.66
CA THR B 37 12.23 -14.38 -11.82
C THR B 37 12.53 -15.23 -13.06
N ASP B 38 12.53 -16.54 -12.94
CA ASP B 38 12.85 -17.35 -14.09
C ASP B 38 11.53 -17.48 -14.85
N TRP B 39 11.24 -16.47 -15.66
CA TRP B 39 9.95 -16.41 -16.34
C TRP B 39 9.78 -17.51 -17.39
N GLN B 40 10.86 -17.95 -18.04
CA GLN B 40 10.73 -18.93 -19.15
C GLN B 40 10.42 -20.30 -18.63
N ALA B 41 10.58 -20.47 -17.32
CA ALA B 41 10.22 -21.70 -16.62
C ALA B 41 8.75 -21.71 -16.18
N GLN B 42 7.97 -20.75 -16.66
CA GLN B 42 6.56 -20.58 -16.25
C GLN B 42 5.51 -20.94 -17.31
N TYR B 43 5.93 -21.29 -18.51
CA TYR B 43 4.96 -21.60 -19.56
C TYR B 43 4.07 -22.78 -19.15
N GLY B 44 4.64 -23.67 -18.34
CA GLY B 44 3.91 -24.87 -17.94
C GLY B 44 3.08 -24.70 -16.68
N TYR B 45 3.07 -23.50 -16.10
CA TYR B 45 2.23 -23.30 -14.93
C TYR B 45 0.78 -23.55 -15.21
N LEU B 46 0.14 -24.24 -14.28
CA LEU B 46 -1.30 -24.53 -14.39
C LEU B 46 -1.82 -24.82 -12.97
N GLU B 47 -2.80 -24.05 -12.49
CA GLU B 47 -3.29 -24.16 -11.11
C GLU B 47 -4.63 -23.49 -11.03
N ASP B 48 -5.57 -24.08 -10.29
CA ASP B 48 -6.81 -23.42 -9.94
C ASP B 48 -6.50 -22.79 -8.59
N ILE B 49 -6.31 -21.45 -8.55
CA ILE B 49 -5.90 -20.82 -7.30
C ILE B 49 -7.08 -20.46 -6.43
N ALA B 50 -8.29 -20.97 -6.79
CA ALA B 50 -9.49 -20.88 -5.93
C ALA B 50 -10.00 -19.43 -5.86
N ASP B 51 -9.70 -18.66 -6.91
CA ASP B 51 -10.17 -17.29 -7.02
C ASP B 51 -11.48 -17.17 -7.79
N GLY B 52 -12.01 -18.30 -8.27
CA GLY B 52 -13.22 -18.26 -9.06
C GLY B 52 -12.99 -18.08 -10.57
N ARG B 53 -11.72 -18.15 -11.01
CA ARG B 53 -11.42 -18.05 -12.45
C ARG B 53 -11.17 -19.43 -13.08
N GLY B 54 -11.25 -20.48 -12.28
CA GLY B 54 -11.06 -21.85 -12.84
C GLY B 54 -9.57 -22.14 -12.94
N TYR B 55 -9.13 -22.70 -14.07
CA TYR B 55 -7.72 -22.92 -14.22
C TYR B 55 -7.04 -21.60 -14.57
N THR B 56 -5.91 -21.34 -13.93
CA THR B 56 -4.94 -20.26 -14.31
C THR B 56 -3.63 -20.90 -14.79
N GLY B 57 -3.16 -20.45 -15.93
CA GLY B 57 -1.98 -21.10 -16.52
C GLY B 57 -1.09 -20.17 -17.37
N GLY B 58 0.19 -20.59 -17.48
CA GLY B 58 1.14 -20.08 -18.43
C GLY B 58 1.75 -18.81 -17.92
N LEU B 59 2.48 -18.15 -18.83
CA LEU B 59 3.30 -16.97 -18.53
C LEU B 59 2.60 -15.93 -17.66
N ILE B 60 1.39 -15.54 -18.10
CA ILE B 60 0.67 -14.46 -17.48
C ILE B 60 -0.68 -14.89 -16.88
N GLY B 61 -0.90 -16.18 -16.70
CA GLY B 61 -2.14 -16.55 -15.99
C GLY B 61 -3.37 -16.42 -16.85
N PHE B 62 -3.31 -16.96 -18.05
CA PHE B 62 -4.54 -17.14 -18.86
C PHE B 62 -5.49 -17.99 -18.01
N THR B 63 -6.78 -17.77 -18.13
CA THR B 63 -7.72 -18.58 -17.34
C THR B 63 -8.87 -19.17 -18.12
N SER B 64 -9.34 -20.32 -17.64
CA SER B 64 -10.47 -20.98 -18.27
C SER B 64 -11.81 -20.27 -18.01
N GLY B 65 -11.89 -19.48 -16.94
CA GLY B 65 -13.12 -18.74 -16.65
C GLY B 65 -13.33 -17.43 -17.39
N THR B 66 -12.23 -16.73 -17.79
CA THR B 66 -12.32 -15.39 -18.42
C THR B 66 -12.12 -15.32 -19.95
N GLY B 67 -12.04 -16.47 -20.65
CA GLY B 67 -11.93 -16.45 -22.11
C GLY B 67 -10.56 -16.52 -22.76
N ASP B 68 -9.52 -16.05 -22.08
CA ASP B 68 -8.22 -15.94 -22.75
C ASP B 68 -7.47 -17.29 -22.85
N MET B 69 -7.75 -18.23 -21.94
CA MET B 69 -7.13 -19.56 -22.10
C MET B 69 -7.72 -20.19 -23.36
N LEU B 70 -9.03 -20.02 -23.56
CA LEU B 70 -9.72 -20.58 -24.73
C LEU B 70 -9.12 -20.00 -26.03
N GLU B 71 -8.90 -18.67 -26.01
CA GLU B 71 -8.41 -17.97 -27.18
C GLU B 71 -7.00 -18.45 -27.48
N LEU B 72 -6.22 -18.65 -26.42
CA LEU B 72 -4.87 -19.20 -26.59
C LEU B 72 -4.90 -20.61 -27.20
N VAL B 73 -5.75 -21.49 -26.67
CA VAL B 73 -5.77 -22.86 -27.22
C VAL B 73 -6.24 -22.93 -28.69
N ARG B 74 -7.30 -22.17 -29.01
CA ARG B 74 -7.74 -21.99 -30.37
C ARG B 74 -6.57 -21.54 -31.25
N ALA B 75 -5.88 -20.50 -30.80
CA ALA B 75 -4.81 -19.93 -31.64
C ALA B 75 -3.67 -20.93 -31.87
N TYR B 76 -3.34 -21.68 -30.82
CA TYR B 76 -2.28 -22.70 -30.84
C TYR B 76 -2.71 -23.84 -31.77
N SER B 77 -4.02 -24.13 -31.76
CA SER B 77 -4.56 -25.18 -32.59
C SER B 77 -4.61 -24.77 -34.09
N ALA B 78 -4.73 -23.48 -34.37
CA ALA B 78 -4.62 -23.02 -35.78
C ALA B 78 -3.18 -23.14 -36.34
N SER B 79 -2.20 -22.81 -35.48
CA SER B 79 -0.79 -22.82 -35.89
C SER B 79 -0.13 -24.19 -35.76
N SER B 80 -0.70 -25.05 -34.92
CA SER B 80 -0.18 -26.37 -34.69
CA SER B 80 -0.17 -26.38 -34.68
C SER B 80 -1.35 -27.34 -34.57
N PRO B 81 -1.91 -27.75 -35.72
CA PRO B 81 -3.07 -28.65 -35.62
C PRO B 81 -2.71 -30.02 -35.02
N GLY B 82 -3.65 -30.62 -34.32
CA GLY B 82 -3.40 -31.91 -33.71
C GLY B 82 -2.63 -31.92 -32.39
N ASN B 83 -2.21 -30.76 -31.88
CA ASN B 83 -1.48 -30.72 -30.59
C ASN B 83 -2.35 -31.29 -29.46
N PRO B 84 -1.74 -31.62 -28.29
CA PRO B 84 -2.38 -32.30 -27.16
C PRO B 84 -3.60 -31.56 -26.56
N LEU B 85 -3.55 -30.25 -26.58
CA LEU B 85 -4.61 -29.46 -26.01
C LEU B 85 -5.84 -29.32 -26.94
N GLU B 86 -5.67 -29.57 -28.25
CA GLU B 86 -6.75 -29.28 -29.20
C GLU B 86 -8.08 -29.99 -28.88
N GLN B 87 -8.03 -31.26 -28.49
CA GLN B 87 -9.28 -31.98 -28.11
C GLN B 87 -10.06 -31.33 -26.95
N TYR B 88 -9.40 -30.46 -26.17
CA TYR B 88 -10.02 -29.84 -25.00
C TYR B 88 -10.70 -28.53 -25.33
N ILE B 89 -10.61 -28.09 -26.59
CA ILE B 89 -11.36 -26.92 -27.02
C ILE B 89 -12.84 -26.95 -26.74
N PRO B 90 -13.54 -28.07 -27.06
CA PRO B 90 -14.97 -28.02 -26.68
C PRO B 90 -15.26 -27.85 -25.20
N ALA B 91 -14.45 -28.42 -24.29
CA ALA B 91 -14.67 -28.30 -22.86
C ALA B 91 -14.37 -26.88 -22.44
N LEU B 92 -13.36 -26.28 -23.06
CA LEU B 92 -12.99 -24.91 -22.65
C LEU B 92 -14.05 -23.95 -23.09
N GLU B 93 -14.75 -24.26 -24.22
CA GLU B 93 -15.86 -23.43 -24.66
C GLU B 93 -17.03 -23.49 -23.69
N ALA B 94 -17.33 -24.73 -23.24
CA ALA B 94 -18.43 -25.04 -22.33
C ALA B 94 -18.19 -24.40 -20.98
N VAL B 95 -16.96 -24.53 -20.42
CA VAL B 95 -16.77 -23.96 -19.07
C VAL B 95 -16.45 -22.46 -19.07
N ASN B 96 -16.14 -21.89 -20.23
CA ASN B 96 -15.89 -20.45 -20.34
C ASN B 96 -16.97 -19.65 -19.57
N GLY B 97 -16.58 -18.67 -18.75
CA GLY B 97 -17.57 -17.89 -18.00
C GLY B 97 -17.89 -18.52 -16.62
N THR B 98 -17.32 -19.69 -16.36
CA THR B 98 -17.45 -20.30 -15.08
C THR B 98 -16.09 -20.81 -14.63
N ASP B 99 -16.00 -21.19 -13.33
CA ASP B 99 -14.74 -21.75 -12.81
C ASP B 99 -14.74 -23.32 -12.80
N SER B 100 -15.61 -23.89 -13.63
CA SER B 100 -15.73 -25.40 -13.70
C SER B 100 -14.53 -26.09 -14.40
N HIS B 101 -14.13 -27.28 -13.92
CA HIS B 101 -13.11 -28.11 -14.55
C HIS B 101 -13.85 -29.20 -15.38
N ALA B 102 -15.18 -29.14 -15.54
CA ALA B 102 -15.93 -30.24 -16.28
C ALA B 102 -15.30 -30.45 -17.67
N GLY B 103 -14.99 -31.73 -18.01
CA GLY B 103 -14.37 -32.03 -19.29
C GLY B 103 -12.87 -31.75 -19.42
N LEU B 104 -12.25 -31.23 -18.35
CA LEU B 104 -10.86 -30.94 -18.37
C LEU B 104 -10.17 -31.98 -17.47
N GLY B 105 -9.77 -31.62 -16.24
CA GLY B 105 -9.15 -32.61 -15.32
C GLY B 105 -7.77 -33.10 -15.68
N GLN B 106 -7.40 -34.26 -15.16
CA GLN B 106 -6.01 -34.76 -15.27
C GLN B 106 -5.51 -34.83 -16.74
N GLY B 107 -6.40 -35.28 -17.64
CA GLY B 107 -6.10 -35.39 -19.10
C GLY B 107 -5.67 -34.03 -19.66
N PHE B 108 -6.43 -33.00 -19.30
CA PHE B 108 -6.16 -31.64 -19.76
C PHE B 108 -4.90 -31.12 -19.11
N GLU B 109 -4.78 -31.31 -17.79
CA GLU B 109 -3.54 -30.95 -17.07
C GLU B 109 -2.29 -31.55 -17.69
N GLN B 110 -2.34 -32.83 -18.09
CA GLN B 110 -1.20 -33.52 -18.63
C GLN B 110 -0.86 -32.96 -20.02
N ALA B 111 -1.92 -32.69 -20.80
CA ALA B 111 -1.80 -32.15 -22.16
C ALA B 111 -1.17 -30.76 -22.09
N TRP B 112 -1.45 -30.03 -21.02
CA TRP B 112 -0.83 -28.71 -20.83
C TRP B 112 0.66 -28.85 -20.55
N ALA B 113 1.02 -29.77 -19.63
CA ALA B 113 2.41 -30.08 -19.36
C ALA B 113 3.18 -30.47 -20.63
N ASP B 114 2.64 -31.41 -21.42
CA ASP B 114 3.25 -31.84 -22.68
C ASP B 114 3.38 -30.67 -23.69
N ALA B 115 2.33 -29.85 -23.84
CA ALA B 115 2.33 -28.74 -24.82
C ALA B 115 3.36 -27.67 -24.47
N ALA B 116 3.56 -27.46 -23.16
CA ALA B 116 4.56 -26.55 -22.60
C ALA B 116 6.00 -26.95 -22.88
N GLU B 117 6.26 -28.22 -23.17
CA GLU B 117 7.62 -28.60 -23.57
C GLU B 117 7.98 -28.22 -25.01
N THR B 118 7.01 -27.69 -25.75
CA THR B 118 7.25 -27.47 -27.17
C THR B 118 7.43 -25.98 -27.44
N SER B 119 8.21 -25.67 -28.47
CA SER B 119 8.36 -24.29 -28.85
C SER B 119 7.08 -23.68 -29.43
N GLU B 120 6.22 -24.49 -30.05
CA GLU B 120 4.95 -23.98 -30.67
C GLU B 120 3.96 -23.40 -29.62
N PHE B 121 3.77 -24.12 -28.52
CA PHE B 121 2.88 -23.65 -27.47
C PHE B 121 3.49 -22.42 -26.78
N ARG B 122 4.82 -22.44 -26.58
CA ARG B 122 5.51 -21.24 -25.96
C ARG B 122 5.33 -20.01 -26.83
N ALA B 123 5.50 -20.21 -28.12
CA ALA B 123 5.27 -19.13 -29.10
C ALA B 123 3.81 -18.66 -29.13
N ALA B 124 2.87 -19.57 -29.07
CA ALA B 124 1.43 -19.23 -28.89
C ALA B 124 1.14 -18.32 -27.67
N GLN B 125 1.75 -18.65 -26.53
CA GLN B 125 1.56 -17.90 -25.29
C GLN B 125 2.18 -16.52 -25.50
N ASP B 126 3.34 -16.47 -26.17
CA ASP B 126 4.05 -15.19 -26.35
C ASP B 126 3.13 -14.29 -27.17
N ALA B 127 2.49 -14.88 -28.19
CA ALA B 127 1.65 -14.14 -29.14
C ALA B 127 0.40 -13.61 -28.47
N GLU B 128 -0.23 -14.47 -27.65
CA GLU B 128 -1.41 -14.04 -26.87
C GLU B 128 -1.04 -12.93 -25.84
N ARG B 129 0.05 -13.17 -25.11
CA ARG B 129 0.61 -12.19 -24.17
C ARG B 129 0.78 -10.84 -24.89
N ASP B 130 1.45 -10.83 -26.06
CA ASP B 130 1.80 -9.57 -26.70
C ASP B 130 0.59 -8.89 -27.28
N ARG B 131 -0.30 -9.67 -27.91
CA ARG B 131 -1.46 -9.02 -28.56
C ARG B 131 -2.45 -8.41 -27.60
N VAL B 132 -2.79 -9.12 -26.52
CA VAL B 132 -3.88 -8.71 -25.61
C VAL B 132 -3.32 -7.90 -24.45
N TYR B 133 -2.10 -8.22 -23.98
CA TYR B 133 -1.59 -7.59 -22.73
C TYR B 133 -0.42 -6.60 -22.88
N PHE B 134 0.64 -7.10 -23.45
CA PHE B 134 1.91 -6.37 -23.45
C PHE B 134 1.91 -5.22 -24.42
N ASP B 135 1.66 -5.51 -25.70
CA ASP B 135 1.61 -4.43 -26.66
C ASP B 135 0.59 -3.33 -26.36
N PRO B 136 -0.65 -3.68 -25.88
CA PRO B 136 -1.61 -2.62 -25.50
C PRO B 136 -1.07 -1.76 -24.37
N ALA B 137 -0.29 -2.36 -23.44
CA ALA B 137 0.20 -1.62 -22.27
C ALA B 137 1.18 -0.62 -22.79
N VAL B 138 2.07 -1.09 -23.68
CA VAL B 138 3.12 -0.22 -24.23
C VAL B 138 2.45 0.93 -25.02
N ALA B 139 1.53 0.55 -25.91
CA ALA B 139 0.93 1.59 -26.78
C ALA B 139 0.18 2.64 -25.96
N GLN B 140 -0.59 2.20 -24.96
CA GLN B 140 -1.37 3.19 -24.21
C GLN B 140 -0.43 4.01 -23.35
N GLY B 141 0.63 3.37 -22.81
CA GLY B 141 1.60 4.05 -21.91
C GLY B 141 2.30 5.16 -22.72
N LYS B 142 2.74 4.82 -23.93
CA LYS B 142 3.43 5.80 -24.82
C LYS B 142 2.42 6.94 -25.17
N ALA B 143 1.14 6.58 -25.39
CA ALA B 143 0.12 7.58 -25.78
C ALA B 143 -0.08 8.53 -24.62
N ASP B 144 0.08 8.00 -23.39
CA ASP B 144 -0.07 8.84 -22.19
C ASP B 144 1.20 9.59 -21.80
N GLY B 145 2.26 9.45 -22.60
CA GLY B 145 3.53 10.07 -22.30
C GLY B 145 4.33 9.40 -21.18
N LEU B 146 4.12 8.09 -20.98
CA LEU B 146 4.81 7.43 -19.85
C LEU B 146 6.17 6.84 -20.21
N SER B 147 7.07 6.76 -19.21
CA SER B 147 8.34 6.08 -19.28
C SER B 147 8.10 4.53 -19.37
N ALA B 148 9.17 3.75 -19.46
CA ALA B 148 9.08 2.28 -19.43
C ALA B 148 8.46 1.83 -18.09
N LEU B 149 8.78 2.53 -17.01
CA LEU B 149 8.13 2.20 -15.71
C LEU B 149 6.59 2.37 -15.69
N GLY B 150 6.11 3.45 -16.31
CA GLY B 150 4.65 3.74 -16.43
C GLY B 150 4.05 2.64 -17.31
N GLN B 151 4.69 2.35 -18.43
CA GLN B 151 4.24 1.28 -19.31
C GLN B 151 4.11 -0.04 -18.53
N PHE B 152 5.10 -0.32 -17.69
CA PHE B 152 5.09 -1.54 -16.88
C PHE B 152 3.90 -1.52 -15.91
N ALA B 153 3.69 -0.37 -15.27
CA ALA B 153 2.52 -0.21 -14.45
C ALA B 153 1.23 -0.59 -15.18
N TYR B 154 1.14 -0.21 -16.46
CA TYR B 154 -0.06 -0.53 -17.24
C TYR B 154 -0.04 -2.04 -17.55
N TYR B 155 1.13 -2.58 -17.90
CA TYR B 155 1.23 -3.99 -18.28
C TYR B 155 0.81 -4.84 -17.09
N ASP B 156 1.37 -4.59 -15.92
CA ASP B 156 0.95 -5.37 -14.76
C ASP B 156 -0.55 -5.29 -14.38
N THR B 157 -1.16 -4.13 -14.65
CA THR B 157 -2.59 -3.91 -14.40
C THR B 157 -3.39 -4.77 -15.38
N LEU B 158 -2.99 -4.75 -16.64
CA LEU B 158 -3.63 -5.60 -17.68
C LEU B 158 -3.54 -7.09 -17.36
N VAL B 159 -2.36 -7.56 -16.99
CA VAL B 159 -2.12 -8.96 -16.58
C VAL B 159 -3.12 -9.40 -15.50
N VAL B 160 -3.27 -8.60 -14.47
CA VAL B 160 -4.13 -8.99 -13.34
C VAL B 160 -5.64 -8.71 -13.53
N HIS B 161 -5.97 -7.53 -14.04
CA HIS B 161 -7.37 -7.06 -14.10
C HIS B 161 -7.97 -7.21 -15.50
N GLY B 162 -7.11 -7.52 -16.47
CA GLY B 162 -7.49 -7.61 -17.85
C GLY B 162 -7.95 -6.35 -18.56
N PRO B 163 -8.15 -6.47 -19.90
CA PRO B 163 -8.59 -5.33 -20.63
C PRO B 163 -10.08 -5.09 -20.38
N GLY B 164 -10.51 -3.88 -20.60
CA GLY B 164 -11.91 -3.56 -20.51
C GLY B 164 -12.08 -2.16 -19.99
N SER B 165 -13.29 -1.60 -20.12
CA SER B 165 -13.56 -0.21 -19.67
C SER B 165 -14.24 -0.23 -18.31
N GLN B 166 -14.62 -1.40 -17.84
CA GLN B 166 -15.31 -1.39 -16.53
C GLN B 166 -14.34 -0.95 -15.41
N ARG B 167 -14.90 -0.56 -14.27
CA ARG B 167 -14.08 0.01 -13.21
C ARG B 167 -12.99 -0.93 -12.65
N ASP B 168 -13.24 -2.25 -12.72
CA ASP B 168 -12.21 -3.18 -12.21
C ASP B 168 -11.27 -3.79 -13.28
N ALA B 169 -11.28 -3.23 -14.49
CA ALA B 169 -10.37 -3.60 -15.58
C ALA B 169 -9.44 -2.44 -15.84
N PHE B 170 -8.46 -2.71 -16.68
CA PHE B 170 -7.43 -1.74 -16.99
C PHE B 170 -8.02 -0.38 -17.41
N GLY B 171 -8.95 -0.37 -18.36
CA GLY B 171 -9.50 0.95 -18.83
C GLY B 171 -10.10 1.73 -17.69
N GLY B 172 -10.91 1.03 -16.87
CA GLY B 172 -11.52 1.72 -15.70
C GLY B 172 -10.50 2.24 -14.71
N ILE B 173 -9.45 1.44 -14.47
CA ILE B 173 -8.40 1.84 -13.54
C ILE B 173 -7.66 3.09 -14.04
N ARG B 174 -7.29 3.04 -15.31
CA ARG B 174 -6.71 4.20 -15.98
C ARG B 174 -7.64 5.41 -15.93
N ALA B 175 -8.93 5.21 -16.20
CA ALA B 175 -9.88 6.37 -16.18
C ALA B 175 -9.95 7.02 -14.78
N GLU B 176 -9.85 6.21 -13.71
CA GLU B 176 -9.90 6.71 -12.36
C GLU B 176 -8.62 7.51 -12.06
N ALA B 177 -7.47 6.96 -12.48
CA ALA B 177 -6.18 7.69 -12.40
C ALA B 177 -6.27 9.05 -13.12
N LEU B 178 -6.82 9.07 -14.34
CA LEU B 178 -6.88 10.30 -15.12
C LEU B 178 -7.76 11.32 -14.44
N SER B 179 -8.80 10.85 -13.76
CA SER B 179 -9.70 11.82 -13.13
C SER B 179 -9.05 12.50 -11.92
N ALA B 180 -7.98 11.89 -11.35
CA ALA B 180 -7.28 12.38 -10.18
C ALA B 180 -6.03 13.19 -10.56
N ALA B 181 -5.34 12.79 -11.62
CA ALA B 181 -4.11 13.45 -12.05
C ALA B 181 -3.90 13.46 -13.55
N LEU B 182 -3.32 14.54 -14.06
CA LEU B 182 -3.08 14.71 -15.49
C LEU B 182 -1.90 13.79 -15.90
N PRO B 183 -1.99 13.12 -17.05
CA PRO B 183 -0.81 12.34 -17.46
C PRO B 183 0.21 13.24 -18.16
N PRO B 184 1.45 12.75 -18.38
CA PRO B 184 2.46 13.61 -19.01
C PRO B 184 2.15 14.07 -20.41
N SER B 185 1.48 13.22 -21.21
CA SER B 185 0.95 13.66 -22.52
C SER B 185 0.18 14.96 -22.45
N GLN B 186 -0.50 15.20 -21.31
N GLN B 186 -0.50 15.24 -21.33
CA GLN B 186 -1.34 16.38 -21.08
CA GLN B 186 -1.26 16.47 -21.21
C GLN B 186 -0.68 17.44 -20.15
C GLN B 186 -0.68 17.43 -20.16
N GLY B 187 0.64 17.38 -20.01
CA GLY B 187 1.39 18.35 -19.20
C GLY B 187 1.54 17.95 -17.76
N GLY B 188 0.99 16.78 -17.37
CA GLY B 188 1.07 16.39 -15.95
C GLY B 188 2.37 15.70 -15.55
N ASP B 189 2.74 15.82 -14.27
CA ASP B 189 3.97 15.25 -13.73
C ASP B 189 3.86 13.72 -13.63
N GLU B 190 4.88 13.01 -14.10
CA GLU B 190 4.72 11.55 -14.22
C GLU B 190 4.63 10.86 -12.84
N THR B 191 5.45 11.33 -11.88
CA THR B 191 5.40 10.76 -10.54
C THR B 191 4.02 10.93 -9.93
N GLU B 192 3.49 12.14 -9.96
CA GLU B 192 2.16 12.43 -9.42
C GLU B 192 1.11 11.56 -10.11
N TYR B 193 1.26 11.35 -11.40
CA TYR B 193 0.27 10.53 -12.15
C TYR B 193 0.36 9.04 -11.77
N LEU B 194 1.58 8.53 -11.73
CA LEU B 194 1.79 7.09 -11.36
C LEU B 194 1.35 6.80 -9.91
N GLU B 195 1.59 7.75 -9.00
CA GLU B 195 1.12 7.62 -7.61
C GLU B 195 -0.39 7.52 -7.61
N ALA B 196 -1.04 8.38 -8.39
CA ALA B 196 -2.50 8.38 -8.53
C ALA B 196 -2.97 7.03 -9.15
N PHE B 197 -2.23 6.57 -10.14
CA PHE B 197 -2.54 5.29 -10.77
C PHE B 197 -2.40 4.10 -9.82
N PHE B 198 -1.28 4.02 -9.09
CA PHE B 198 -1.13 2.95 -8.08
C PHE B 198 -2.22 2.99 -7.02
N ASP B 199 -2.60 4.21 -6.62
CA ASP B 199 -3.66 4.39 -5.62
C ASP B 199 -5.00 3.82 -6.12
N ALA B 200 -5.33 4.15 -7.35
CA ALA B 200 -6.58 3.71 -7.96
C ALA B 200 -6.56 2.19 -8.11
N ARG B 201 -5.44 1.64 -8.56
CA ARG B 201 -5.32 0.17 -8.70
C ARG B 201 -5.41 -0.54 -7.37
N ASN B 202 -4.82 0.04 -6.32
CA ASN B 202 -4.90 -0.59 -4.97
C ASN B 202 -6.34 -0.71 -4.50
N VAL B 203 -7.17 0.32 -4.79
CA VAL B 203 -8.58 0.27 -4.41
C VAL B 203 -9.23 -0.98 -5.03
N ILE B 204 -8.97 -1.21 -6.33
CA ILE B 204 -9.56 -2.40 -7.05
C ILE B 204 -8.97 -3.71 -6.56
N MET B 205 -7.66 -3.73 -6.31
CA MET B 205 -6.99 -5.00 -5.83
C MET B 205 -7.67 -5.40 -4.50
N ARG B 206 -7.85 -4.43 -3.62
CA ARG B 206 -8.42 -4.74 -2.30
C ARG B 206 -9.89 -5.25 -2.29
N GLU B 207 -10.63 -5.09 -3.41
CA GLU B 207 -12.05 -5.42 -3.49
C GLU B 207 -12.23 -6.94 -3.73
N GLU B 208 -11.14 -7.62 -4.04
CA GLU B 208 -11.17 -9.09 -4.24
C GLU B 208 -10.15 -9.80 -3.34
N PRO B 209 -10.60 -10.73 -2.42
CA PRO B 209 -9.62 -11.39 -1.50
C PRO B 209 -8.37 -11.98 -2.18
N ALA B 210 -8.56 -12.62 -3.34
CA ALA B 210 -7.39 -13.19 -4.06
C ALA B 210 -6.36 -12.11 -4.41
N HIS B 211 -6.81 -10.88 -4.55
CA HIS B 211 -5.89 -9.81 -4.94
C HIS B 211 -5.60 -8.84 -3.84
N ALA B 212 -6.03 -9.08 -2.61
CA ALA B 212 -6.00 -8.01 -1.63
C ALA B 212 -4.57 -7.62 -1.19
N ASP B 213 -3.64 -8.56 -1.33
CA ASP B 213 -2.23 -8.27 -1.07
C ASP B 213 -1.72 -7.44 -2.24
N THR B 214 -1.39 -6.15 -1.95
CA THR B 214 -1.01 -5.22 -2.96
C THR B 214 0.54 -5.02 -2.99
N SER B 215 1.31 -5.96 -2.43
CA SER B 215 2.75 -5.82 -2.41
C SER B 215 3.43 -5.70 -3.80
N ARG B 216 2.90 -6.36 -4.85
CA ARG B 216 3.48 -6.16 -6.23
C ARG B 216 3.50 -4.63 -6.59
N ILE B 217 2.58 -3.88 -6.01
CA ILE B 217 2.59 -2.39 -6.15
C ILE B 217 3.43 -1.77 -5.01
N ASP B 218 3.03 -2.07 -3.77
CA ASP B 218 3.55 -1.32 -2.63
C ASP B 218 4.99 -1.56 -2.26
N THR B 219 5.52 -2.76 -2.56
CA THR B 219 6.94 -3.06 -2.25
C THR B 219 7.77 -3.37 -3.50
N ALA B 220 7.20 -3.03 -4.66
CA ALA B 220 7.92 -3.22 -5.92
C ALA B 220 7.74 -2.00 -6.86
N GLN B 221 6.56 -1.89 -7.50
CA GLN B 221 6.35 -0.82 -8.46
C GLN B 221 6.55 0.60 -7.86
N ARG B 222 5.95 0.83 -6.68
CA ARG B 222 6.11 2.11 -5.97
C ARG B 222 7.58 2.35 -5.57
N VAL B 223 8.31 1.24 -5.31
CA VAL B 223 9.74 1.34 -4.92
C VAL B 223 10.52 1.87 -6.12
N PHE B 224 10.27 1.30 -7.31
CA PHE B 224 11.01 1.71 -8.54
C PHE B 224 10.69 3.19 -8.83
N LEU B 225 9.46 3.60 -8.59
CA LEU B 225 9.05 4.99 -8.76
C LEU B 225 9.76 5.96 -7.79
N GLN B 226 9.74 5.61 -6.51
CA GLN B 226 10.47 6.39 -5.51
C GLN B 226 11.95 6.52 -5.84
N ASN B 227 12.51 5.46 -6.41
CA ASN B 227 13.93 5.47 -6.82
C ASN B 227 14.14 6.30 -8.10
N GLY B 228 13.08 6.81 -8.71
CA GLY B 228 13.25 7.52 -10.01
C GLY B 228 13.72 6.59 -11.14
N ASN B 229 13.37 5.31 -11.03
CA ASN B 229 13.83 4.33 -12.03
C ASN B 229 12.87 4.21 -13.27
N PHE B 230 12.73 5.31 -13.99
CA PHE B 230 11.76 5.43 -15.06
C PHE B 230 12.07 4.53 -16.22
N ASP B 231 13.37 4.23 -16.43
CA ASP B 231 13.68 3.33 -17.53
C ASP B 231 13.61 1.88 -17.15
N LEU B 232 13.29 1.62 -15.90
CA LEU B 232 13.19 0.27 -15.39
C LEU B 232 14.53 -0.45 -15.64
N GLU B 233 15.63 0.25 -15.32
CA GLU B 233 16.96 -0.27 -15.60
C GLU B 233 17.49 -1.16 -14.45
N ARG B 234 18.16 -2.24 -14.81
N ARG B 234 18.21 -2.20 -14.82
CA ARG B 234 18.85 -3.07 -13.80
CA ARG B 234 18.89 -3.04 -13.84
C ARG B 234 20.10 -2.34 -13.30
C ARG B 234 20.13 -2.33 -13.31
N PRO B 235 20.50 -2.58 -12.04
CA PRO B 235 19.96 -3.57 -11.08
C PRO B 235 18.64 -3.15 -10.36
N LEU B 236 17.70 -4.09 -10.24
CA LEU B 236 16.43 -3.85 -9.55
C LEU B 236 16.42 -4.76 -8.38
N THR B 237 15.89 -4.25 -7.25
CA THR B 237 15.60 -5.11 -6.14
C THR B 237 14.16 -4.77 -5.70
N TRP B 238 13.38 -5.79 -5.28
CA TRP B 238 11.97 -5.58 -4.83
C TRP B 238 11.53 -6.70 -3.93
N SER B 239 10.37 -6.52 -3.31
CA SER B 239 9.74 -7.63 -2.61
C SER B 239 8.35 -7.87 -3.11
N VAL B 240 7.90 -9.14 -2.96
CA VAL B 240 6.48 -9.45 -3.23
C VAL B 240 6.09 -10.60 -2.32
N TYR B 241 4.99 -10.41 -1.58
CA TYR B 241 4.52 -11.35 -0.54
C TYR B 241 5.58 -11.51 0.58
N GLY B 242 6.30 -10.42 0.88
CA GLY B 242 7.40 -10.47 1.88
C GLY B 242 8.68 -11.19 1.44
N ASP B 243 8.72 -11.68 0.19
CA ASP B 243 9.92 -12.33 -0.36
C ASP B 243 10.75 -11.36 -1.21
N GLN B 244 12.09 -11.40 -1.09
CA GLN B 244 12.94 -10.48 -1.82
C GLN B 244 13.47 -11.10 -3.14
N TYR B 245 13.49 -10.26 -4.16
CA TYR B 245 13.95 -10.63 -5.50
C TYR B 245 14.93 -9.57 -6.02
N SER B 246 15.82 -9.99 -6.91
CA SER B 246 16.76 -9.05 -7.49
C SER B 246 17.00 -9.42 -8.94
N LEU B 247 17.24 -8.41 -9.78
CA LEU B 247 17.73 -8.58 -11.17
C LEU B 247 18.97 -7.80 -11.33
N ASN B 248 20.13 -8.48 -11.41
CA ASN B 248 21.43 -7.79 -11.50
C ASN B 248 21.73 -7.13 -12.83
C1 GCS C . 13.95 7.56 2.27
C2 GCS C . 14.23 8.19 3.64
C3 GCS C . 12.86 8.52 4.25
C4 GCS C . 12.01 9.45 3.36
C5 GCS C . 11.87 8.81 1.98
C6 GCS C . 11.12 9.70 1.02
N2 GCS C . 14.96 7.32 4.56
O1 GCS C . 15.12 7.21 1.53
O3 GCS C . 13.04 9.11 5.52
O4 GCS C . 10.73 9.54 3.72
O5 GCS C . 13.20 8.54 1.51
O6 GCS C . 11.24 9.19 -0.33
C1 GCS C . 10.23 10.61 4.52
C2 GCS C . 8.73 10.74 4.30
C3 GCS C . 8.21 11.92 5.14
C4 GCS C . 8.58 11.73 6.61
C5 GCS C . 10.10 11.50 6.72
C6 GCS C . 10.68 11.26 8.10
N2 GCS C . 8.46 10.86 2.85
O3 GCS C . 6.82 11.93 4.97
O4 GCS C . 8.27 12.85 7.31
O5 GCS C . 10.51 10.36 5.91
O6 GCS C . 10.05 10.17 8.72
C1 GCS C . 7.22 12.71 8.23
C2 GCS C . 7.20 13.95 9.12
C3 GCS C . 6.00 13.85 10.07
C4 GCS C . 4.65 13.67 9.35
C5 GCS C . 4.75 12.57 8.26
C6 GCS C . 3.55 12.58 7.30
N2 GCS C . 8.45 14.15 9.88
O3 GCS C . 6.03 15.02 10.95
O4 GCS C . 3.52 13.40 10.09
O5 GCS C . 5.99 12.66 7.46
O6 GCS C . 3.37 13.88 6.68
C1 GCS C . 2.55 14.43 10.58
C2 GCS C . 1.27 14.83 9.81
C3 GCS C . 0.30 15.72 10.68
C4 GCS C . 0.16 15.38 12.17
C5 GCS C . 1.50 14.83 12.67
C6 GCS C . 1.28 14.00 13.92
N2 GCS C . 1.50 15.48 8.52
O3 GCS C . -1.03 15.76 10.14
O4 GCS C . -0.29 16.27 13.12
O5 GCS C . 2.03 13.86 11.76
O6 GCS C . 0.92 14.83 15.02
C1 GCS C . -1.61 16.33 13.68
C2 GCS C . -1.81 17.25 14.91
C3 GCS C . -3.29 17.21 15.36
C4 GCS C . -4.35 17.29 14.19
C5 GCS C . -3.86 16.51 12.95
C6 GCS C . -4.65 16.81 11.68
N2 GCS C . -0.93 16.90 16.04
O3 GCS C . -3.48 18.26 16.33
O4 GCS C . -5.66 17.11 14.56
O5 GCS C . -2.49 16.83 12.68
O6 GCS C . -4.44 18.22 11.40
C1 GCS C . -6.59 18.06 15.10
C2 GCS C . -8.04 17.54 14.95
C3 GCS C . -9.01 18.58 15.47
C4 GCS C . -8.72 18.84 16.94
C5 GCS C . -7.23 19.18 17.17
C6 GCS C . -6.88 19.21 18.64
N2 GCS C . -8.39 17.07 13.59
O3 GCS C . -10.36 18.10 15.33
O4 GCS C . -9.56 19.90 17.34
O5 GCS C . -6.32 18.26 16.51
O6 GCS C . -5.68 20.01 18.70
C1 GCS D . 6.05 -17.67 0.94
C2 GCS D . 6.09 -18.08 -0.54
C3 GCS D . 5.24 -17.14 -1.35
C4 GCS D . 3.80 -16.96 -0.84
C5 GCS D . 3.88 -16.49 0.61
C6 GCS D . 2.52 -16.40 1.31
N2 GCS D . 7.44 -17.93 -1.04
O1 GCS D . 6.67 -18.67 1.78
O3 GCS D . 5.27 -17.58 -2.72
O4 GCS D . 3.46 -15.97 -1.66
O4 GCS D . 2.71 -16.64 -1.60
O5 GCS D . 4.69 -17.42 1.36
O6 GCS D . 1.63 -15.38 0.82
C1 GCS D . 2.49 -16.45 -2.59
C1 GCS D . 1.75 -16.90 -2.64
C2 GCS D . 1.27 -15.53 -2.68
C2 GCS D . 0.75 -15.73 -2.73
C3 GCS D . 0.29 -15.99 -3.76
C3 GCS D . -0.16 -15.90 -3.94
C4 GCS D . 0.94 -16.38 -5.09
C4 GCS D . 0.73 -15.95 -5.17
C5 GCS D . 2.24 -17.17 -4.83
C5 GCS D . 1.81 -17.04 -5.04
C6 GCS D . 3.10 -17.37 -6.08
C6 GCS D . 2.82 -16.99 -6.18
N2 GCS D . 0.59 -15.54 -1.38
N2 GCS D . 0.00 -15.60 -1.48
O3 GCS D . -0.71 -14.97 -3.98
O3 GCS D . -1.09 -14.80 -4.04
O4 GCS D . 0.08 -16.65 -6.11
O5 GCS D . 3.09 -16.56 -3.87
O5 GCS D . 2.53 -16.92 -3.83
O6 GCS D . 3.60 -16.09 -6.50
O6 GCS D . 3.96 -17.79 -5.87
C1 GCS D . -0.28 -15.94 -7.31
C2 GCS D . -0.88 -16.90 -8.38
C3 GCS D . -1.25 -16.06 -9.61
C4 GCS D . -2.16 -14.86 -9.30
C5 GCS D . -1.65 -14.10 -8.08
C6 GCS D . -2.63 -13.09 -7.43
N2 GCS D . 0.02 -17.97 -8.76
O3 GCS D . -1.90 -16.90 -10.55
O4 GCS D . -2.48 -13.88 -10.16
O5 GCS D . -1.30 -14.98 -6.99
O6 GCS D . -3.85 -13.74 -7.04
C1 GCS D . -3.62 -14.04 -11.08
C2 GCS D . -4.95 -13.30 -10.80
C3 GCS D . -5.90 -13.28 -12.05
C4 GCS D . -5.30 -13.25 -13.49
C5 GCS D . -3.86 -13.81 -13.49
C6 GCS D . -2.84 -13.18 -14.41
N2 GCS D . -5.65 -13.81 -9.61
O3 GCS D . -6.81 -12.17 -11.96
O4 GCS D . -6.15 -13.70 -14.49
O5 GCS D . -3.18 -13.50 -12.29
O6 GCS D . -1.51 -13.50 -13.87
C1 GCS D . -6.70 -12.69 -15.38
C2 GCS D . -7.14 -13.23 -16.75
C3 GCS D . -7.89 -12.12 -17.55
C4 GCS D . -8.91 -11.28 -16.75
C5 GCS D . -8.44 -10.93 -15.34
C6 GCS D . -9.57 -10.41 -14.42
N2 GCS D . -5.98 -13.70 -17.51
O3 GCS D . -8.49 -12.74 -18.73
O4 GCS D . -9.45 -10.18 -17.38
O5 GCS D . -7.83 -12.11 -14.74
O6 GCS D . -10.61 -11.36 -14.30
C1 GCS D . -10.61 -10.23 -18.19
C2 GCS D . -11.07 -8.79 -18.38
C3 GCS D . -12.33 -8.79 -19.26
C4 GCS D . -12.04 -9.44 -20.62
C5 GCS D . -11.36 -10.81 -20.39
C6 GCS D . -10.85 -11.41 -21.70
N2 GCS D . -11.40 -8.18 -17.11
O3 GCS D . -12.93 -7.49 -19.40
O4 GCS D . -13.28 -9.53 -21.34
O5 GCS D . -10.25 -10.71 -19.48
O6 GCS D . -9.61 -10.79 -22.06
C1 GOL E . 10.69 8.97 30.65
O1 GOL E . 11.27 10.27 30.47
C2 GOL E . 10.22 8.18 29.43
O2 GOL E . 10.27 8.84 28.16
C3 GOL E . 8.79 7.65 29.70
O3 GOL E . 8.02 7.67 28.49
C1 GOL F . 6.23 4.13 26.86
O1 GOL F . 7.29 4.06 27.88
C2 GOL F . 5.28 5.18 27.44
O2 GOL F . 5.81 6.54 27.52
C3 GOL F . 4.83 4.74 28.85
O3 GOL F . 3.60 5.44 29.15
C1 GOL G . 1.86 -4.08 1.50
O1 GOL G . 3.07 -4.58 0.82
C2 GOL G . 0.88 -5.16 1.80
O2 GOL G . 1.24 -6.44 1.21
C3 GOL G . -0.42 -4.52 1.36
O3 GOL G . -1.55 -5.39 1.13
#